data_8D6D
#
_entry.id   8D6D
#
_cell.length_a   51.460
_cell.length_b   112.920
_cell.length_c   72.660
_cell.angle_alpha   90.000
_cell.angle_beta   110.340
_cell.angle_gamma   90.000
#
_symmetry.space_group_name_H-M   'P 1 21 1'
#
loop_
_entity.id
_entity.type
_entity.pdbx_description
1 polymer 'Membrane-associated tyrosine- and threonine-specific cdc2-inhibitory kinase'
2 non-polymer 1,2-ETHANEDIOL
3 non-polymer 'SULFATE ION'
4 non-polymer (1P)-2-amino-5-bromo-1-(3-hydroxy-2,6-dimethylphenyl)-1H-pyrrolo[2,3-b]quinoxaline-3-carboxamide
5 water water
#
_entity_poly.entity_id   1
_entity_poly.type   'polypeptide(L)'
_entity_poly.pdbx_seq_one_letter_code
;MHHHHHHSSGVDLGTENLYFQSMHQLQPRRVSFRGEASETLQSPGYDPSRPESFFQQSFQRLSRLGHGSYGEVFKVRSKE
DGRLYAVKRSMSPFRGPKDRARKLAEVGSHEKVGQHPCCVRLEQAWEEGGILYLQTELCGPSLQQHCEAWGASLPEAQVW
GYLRDTLLALAHLHSQGLVHLDVKPANIFLGPRGRCKLGDFGLLVELGTAGAGEVQEGDPRYMAPELLQGSYGTAADVFS
LGLTILEVACNMELPHGGEGWQQLRQGYLPPEFTAGLSSELRSVLVMMLEPDPKLRATAEALLALPVLRQP
;
_entity_poly.pdbx_strand_id   A,B
#
# COMPACT_ATOMS: atom_id res chain seq x y z
N GLN A 27 -13.66 -3.90 -33.71
CA GLN A 27 -13.57 -5.31 -33.36
C GLN A 27 -12.26 -5.61 -32.62
N PRO A 28 -12.37 -6.28 -31.47
CA PRO A 28 -11.16 -6.67 -30.73
C PRO A 28 -10.45 -7.85 -31.37
N ARG A 29 -9.12 -7.75 -31.42
CA ARG A 29 -8.26 -8.77 -32.00
C ARG A 29 -7.14 -9.09 -31.01
N ARG A 30 -6.87 -10.38 -30.85
CA ARG A 30 -5.80 -10.84 -29.96
C ARG A 30 -4.45 -10.42 -30.52
N VAL A 31 -3.44 -10.39 -29.65
CA VAL A 31 -2.09 -9.94 -29.97
C VAL A 31 -1.11 -11.01 -29.51
N SER A 32 -0.37 -11.60 -30.46
CA SER A 32 0.65 -12.58 -30.12
C SER A 32 1.71 -12.61 -31.20
N PHE A 33 2.92 -13.06 -30.82
CA PHE A 33 4.03 -13.14 -31.74
C PHE A 33 4.48 -14.60 -31.97
N ARG A 34 3.54 -15.53 -31.85
CA ARG A 34 3.83 -16.95 -32.01
C ARG A 34 3.28 -17.49 -33.33
N PRO A 44 -18.31 -16.44 -24.41
CA PRO A 44 -17.64 -15.92 -23.22
C PRO A 44 -18.05 -14.48 -22.97
N GLY A 45 -19.34 -14.22 -22.77
CA GLY A 45 -19.78 -12.84 -22.62
C GLY A 45 -19.48 -11.98 -23.82
N TYR A 46 -19.14 -12.61 -24.95
CA TYR A 46 -18.69 -11.91 -26.16
C TYR A 46 -19.46 -10.64 -26.45
N ASP A 47 -20.78 -10.75 -26.60
CA ASP A 47 -21.70 -9.67 -26.94
C ASP A 47 -21.09 -8.75 -27.99
N PRO A 48 -20.73 -9.27 -29.18
CA PRO A 48 -20.13 -8.38 -30.19
C PRO A 48 -21.06 -7.27 -30.60
N SER A 49 -22.35 -7.58 -30.75
CA SER A 49 -23.33 -6.59 -31.14
C SER A 49 -23.43 -5.47 -30.11
N ARG A 50 -23.34 -5.80 -28.82
CA ARG A 50 -23.47 -4.80 -27.79
C ARG A 50 -22.44 -3.68 -27.99
N PRO A 51 -22.83 -2.42 -27.78
CA PRO A 51 -21.90 -1.27 -27.94
C PRO A 51 -21.06 -0.99 -26.70
N GLU A 52 -20.36 -2.01 -26.20
CA GLU A 52 -19.49 -1.88 -25.04
C GLU A 52 -18.19 -2.62 -25.34
N SER A 53 -17.10 -2.16 -24.73
CA SER A 53 -15.79 -2.75 -25.00
C SER A 53 -15.69 -4.15 -24.38
N PHE A 54 -14.86 -4.98 -25.00
CA PHE A 54 -14.58 -6.32 -24.47
C PHE A 54 -14.09 -6.25 -23.03
N PHE A 55 -13.35 -5.20 -22.68
CA PHE A 55 -12.88 -5.05 -21.31
C PHE A 55 -14.05 -4.84 -20.35
N GLN A 56 -15.00 -3.99 -20.73
CA GLN A 56 -16.20 -3.74 -19.94
C GLN A 56 -17.21 -4.87 -20.01
N GLN A 57 -17.01 -5.84 -20.90
CA GLN A 57 -17.96 -6.91 -21.11
C GLN A 57 -17.46 -8.26 -20.60
N SER A 58 -16.15 -8.48 -20.54
CA SER A 58 -15.59 -9.74 -20.07
C SER A 58 -14.98 -9.68 -18.68
N PHE A 59 -14.97 -8.52 -18.01
CA PHE A 59 -14.31 -8.39 -16.71
C PHE A 59 -15.04 -7.39 -15.83
N GLN A 60 -14.78 -7.48 -14.53
CA GLN A 60 -15.31 -6.54 -13.55
C GLN A 60 -14.14 -5.80 -12.91
N ARG A 61 -14.13 -4.48 -13.03
CA ARG A 61 -13.03 -3.66 -12.52
C ARG A 61 -13.19 -3.51 -11.02
N LEU A 62 -12.52 -4.41 -10.28
CA LEU A 62 -12.61 -4.39 -8.81
C LEU A 62 -11.87 -3.19 -8.24
N SER A 63 -10.70 -2.85 -8.79
CA SER A 63 -9.89 -1.73 -8.35
C SER A 63 -8.96 -1.30 -9.46
N ARG A 64 -8.50 -0.05 -9.36
CA ARG A 64 -7.48 0.46 -10.25
C ARG A 64 -6.17 0.44 -9.47
N LEU A 65 -5.38 -0.62 -9.69
CA LEU A 65 -4.12 -0.81 -8.98
C LEU A 65 -3.16 0.34 -9.18
N GLY A 66 -3.24 1.02 -10.31
CA GLY A 66 -2.33 2.12 -10.57
C GLY A 66 -2.63 2.77 -11.91
N HIS A 67 -2.05 3.96 -12.09
CA HIS A 67 -2.28 4.72 -13.31
C HIS A 67 -1.10 5.61 -13.59
N GLY A 68 -0.89 5.90 -14.87
CA GLY A 68 0.23 6.75 -15.26
C GLY A 68 0.25 6.90 -16.78
N SER A 69 1.36 7.48 -17.26
CA SER A 69 1.54 7.68 -18.71
C SER A 69 1.40 6.37 -19.48
N TYR A 70 1.85 5.27 -18.88
CA TYR A 70 1.67 3.96 -19.48
C TYR A 70 0.19 3.66 -19.70
N GLY A 71 -0.67 4.20 -18.86
CA GLY A 71 -2.09 3.91 -18.91
C GLY A 71 -2.66 3.64 -17.54
N GLU A 72 -3.41 2.54 -17.41
CA GLU A 72 -4.07 2.22 -16.15
C GLU A 72 -3.99 0.71 -15.91
N VAL A 73 -3.70 0.33 -14.67
CA VAL A 73 -3.70 -1.07 -14.25
C VAL A 73 -4.89 -1.27 -13.34
N PHE A 74 -5.71 -2.28 -13.62
CA PHE A 74 -6.92 -2.55 -12.89
C PHE A 74 -6.86 -3.96 -12.32
N LYS A 75 -7.34 -4.10 -11.08
CA LYS A 75 -7.59 -5.41 -10.49
C LYS A 75 -8.95 -5.90 -10.96
N VAL A 76 -9.00 -7.10 -11.54
CA VAL A 76 -10.23 -7.60 -12.14
C VAL A 76 -10.34 -9.09 -11.86
N ARG A 77 -11.57 -9.60 -12.01
CA ARG A 77 -11.86 -11.02 -11.93
C ARG A 77 -12.49 -11.42 -13.25
N SER A 78 -12.02 -12.52 -13.84
CA SER A 78 -12.55 -12.94 -15.14
C SER A 78 -14.03 -13.25 -15.04
N LYS A 79 -14.82 -12.67 -15.95
CA LYS A 79 -16.24 -12.99 -16.04
C LYS A 79 -16.49 -14.29 -16.79
N GLU A 80 -15.43 -15.03 -17.11
CA GLU A 80 -15.51 -16.33 -17.76
C GLU A 80 -14.79 -17.40 -16.96
N ASP A 81 -13.83 -17.01 -16.11
CA ASP A 81 -13.08 -17.94 -15.28
C ASP A 81 -13.20 -17.62 -13.79
N GLY A 82 -13.75 -16.47 -13.41
CA GLY A 82 -13.89 -16.05 -12.03
C GLY A 82 -12.61 -15.70 -11.31
N ARG A 83 -11.49 -16.29 -11.75
CA ARG A 83 -10.20 -16.01 -11.14
C ARG A 83 -9.84 -14.53 -11.28
N LEU A 84 -9.12 -14.02 -10.29
CA LEU A 84 -8.70 -12.63 -10.32
C LEU A 84 -7.44 -12.48 -11.16
N TYR A 85 -7.37 -11.38 -11.90
CA TYR A 85 -6.26 -11.11 -12.79
C TYR A 85 -6.00 -9.61 -12.79
N ALA A 86 -4.86 -9.22 -13.35
CA ALA A 86 -4.49 -7.82 -13.51
C ALA A 86 -4.44 -7.47 -14.98
N VAL A 87 -4.99 -6.31 -15.34
CA VAL A 87 -5.07 -5.88 -16.72
C VAL A 87 -4.50 -4.48 -16.84
N LYS A 88 -3.66 -4.27 -17.85
CA LYS A 88 -3.11 -2.96 -18.15
C LYS A 88 -3.68 -2.51 -19.49
N ARG A 89 -4.05 -1.23 -19.56
CA ARG A 89 -4.58 -0.65 -20.78
C ARG A 89 -3.84 0.66 -21.05
N SER A 90 -3.62 0.96 -22.33
CA SER A 90 -2.97 2.20 -22.72
C SER A 90 -3.94 3.37 -22.56
N MET A 91 -3.37 4.55 -22.31
CA MET A 91 -4.17 5.75 -22.06
C MET A 91 -4.91 6.21 -23.32
N SER A 92 -4.14 6.56 -24.36
CA SER A 92 -4.63 7.10 -25.63
C SER A 92 -4.48 6.11 -26.78
N PRO A 93 -5.31 6.24 -27.82
CA PRO A 93 -5.21 5.36 -28.99
C PRO A 93 -3.88 5.50 -29.71
N PHE A 94 -3.57 4.49 -30.53
CA PHE A 94 -2.33 4.47 -31.29
C PHE A 94 -2.20 5.71 -32.17
N ARG A 95 -1.09 6.42 -32.04
CA ARG A 95 -0.91 7.64 -32.83
C ARG A 95 -0.61 7.30 -34.29
N GLY A 96 0.35 6.40 -34.50
CA GLY A 96 0.77 6.00 -35.82
C GLY A 96 1.19 4.54 -35.85
N PRO A 97 1.79 4.11 -36.97
CA PRO A 97 2.25 2.71 -37.05
C PRO A 97 3.32 2.41 -36.01
N LYS A 98 4.20 3.37 -35.75
CA LYS A 98 5.29 3.16 -34.81
C LYS A 98 4.79 3.01 -33.39
N ASP A 99 3.95 3.95 -32.92
CA ASP A 99 3.42 3.87 -31.57
C ASP A 99 2.80 2.49 -31.33
N ARG A 100 2.00 2.01 -32.29
CA ARG A 100 1.39 0.69 -32.17
C ARG A 100 2.45 -0.40 -32.02
N ALA A 101 3.45 -0.40 -32.91
CA ALA A 101 4.48 -1.44 -32.85
C ALA A 101 5.26 -1.38 -31.56
N ARG A 102 5.64 -0.17 -31.12
CA ARG A 102 6.40 -0.02 -29.89
C ARG A 102 5.64 -0.56 -28.70
N LYS A 103 4.34 -0.28 -28.63
CA LYS A 103 3.51 -0.77 -27.53
C LYS A 103 3.34 -2.28 -27.59
N LEU A 104 3.01 -2.81 -28.77
CA LEU A 104 2.79 -4.24 -28.94
C LEU A 104 4.06 -5.05 -28.68
N ALA A 105 5.24 -4.43 -28.73
CA ALA A 105 6.47 -5.19 -28.51
C ALA A 105 6.51 -5.80 -27.10
N GLU A 106 5.95 -5.12 -26.09
CA GLU A 106 5.95 -5.69 -24.74
C GLU A 106 5.33 -7.07 -24.75
N VAL A 107 4.26 -7.26 -25.52
CA VAL A 107 3.68 -8.60 -25.65
C VAL A 107 4.72 -9.58 -26.14
N GLY A 108 5.41 -9.22 -27.24
CA GLY A 108 6.44 -10.12 -27.74
C GLY A 108 7.50 -10.39 -26.70
N SER A 109 7.99 -9.33 -26.04
CA SER A 109 8.99 -9.49 -25.01
C SER A 109 8.50 -10.37 -23.87
N HIS A 110 7.26 -10.14 -23.43
CA HIS A 110 6.68 -10.95 -22.36
C HIS A 110 6.62 -12.42 -22.79
N GLU A 111 6.30 -12.68 -24.06
CA GLU A 111 6.26 -14.04 -24.58
C GLU A 111 7.64 -14.70 -24.54
N LYS A 112 8.69 -13.96 -24.87
CA LYS A 112 10.03 -14.54 -24.84
C LYS A 112 10.41 -14.98 -23.42
N VAL A 113 10.07 -14.18 -22.41
CA VAL A 113 10.33 -14.55 -21.02
C VAL A 113 9.70 -15.90 -20.70
N GLY A 114 8.51 -16.14 -21.23
CA GLY A 114 7.85 -17.42 -21.01
C GLY A 114 7.31 -17.55 -19.60
N GLN A 115 7.33 -18.79 -19.10
CA GLN A 115 6.80 -19.11 -17.78
C GLN A 115 7.96 -19.51 -16.87
N HIS A 116 8.22 -18.70 -15.85
CA HIS A 116 9.24 -18.99 -14.86
C HIS A 116 8.65 -18.64 -13.50
N PRO A 117 8.94 -19.43 -12.46
CA PRO A 117 8.33 -19.19 -11.14
C PRO A 117 8.50 -17.77 -10.61
N CYS A 118 9.57 -17.08 -10.95
CA CYS A 118 9.84 -15.74 -10.44
C CYS A 118 9.62 -14.63 -11.48
N CYS A 119 8.73 -14.85 -12.44
CA CYS A 119 8.44 -13.86 -13.48
C CYS A 119 6.94 -13.75 -13.66
N VAL A 120 6.43 -12.51 -13.68
CA VAL A 120 5.01 -12.33 -13.86
C VAL A 120 4.61 -12.91 -15.21
N ARG A 121 3.60 -13.78 -15.18
CA ARG A 121 3.15 -14.49 -16.36
C ARG A 121 1.96 -13.78 -17.00
N LEU A 122 1.98 -13.67 -18.32
CA LEU A 122 0.92 -13.05 -19.10
C LEU A 122 -0.04 -14.12 -19.58
N GLU A 123 -1.34 -13.90 -19.32
CA GLU A 123 -2.36 -14.86 -19.75
C GLU A 123 -2.76 -14.60 -21.20
N GLN A 124 -3.25 -13.39 -21.48
CA GLN A 124 -3.67 -13.02 -22.83
C GLN A 124 -3.45 -11.53 -23.05
N ALA A 125 -3.28 -11.15 -24.32
CA ALA A 125 -3.10 -9.75 -24.70
C ALA A 125 -3.89 -9.48 -25.97
N TRP A 126 -4.53 -8.32 -26.03
CA TRP A 126 -5.42 -7.99 -27.14
C TRP A 126 -5.46 -6.48 -27.34
N GLU A 127 -6.10 -6.06 -28.44
CA GLU A 127 -6.18 -4.65 -28.79
C GLU A 127 -7.57 -4.31 -29.31
N GLU A 128 -8.01 -3.08 -29.05
CA GLU A 128 -9.30 -2.58 -29.48
C GLU A 128 -9.29 -1.06 -29.36
N GLY A 129 -9.86 -0.38 -30.36
CA GLY A 129 -9.93 1.08 -30.34
C GLY A 129 -8.59 1.76 -30.20
N GLY A 130 -7.54 1.19 -30.80
CA GLY A 130 -6.21 1.75 -30.66
C GLY A 130 -5.62 1.61 -29.27
N ILE A 131 -6.19 0.73 -28.45
CA ILE A 131 -5.79 0.55 -27.05
C ILE A 131 -5.27 -0.87 -26.89
N LEU A 132 -4.12 -1.01 -26.26
CA LEU A 132 -3.51 -2.32 -25.98
C LEU A 132 -3.82 -2.78 -24.56
N TYR A 133 -4.19 -4.05 -24.43
CA TYR A 133 -4.55 -4.65 -23.15
C TYR A 133 -3.67 -5.87 -22.90
N LEU A 134 -3.06 -5.93 -21.72
CA LEU A 134 -2.28 -7.07 -21.26
C LEU A 134 -2.89 -7.61 -19.97
N GLN A 135 -3.20 -8.90 -19.96
CA GLN A 135 -3.78 -9.58 -18.80
C GLN A 135 -2.75 -10.51 -18.17
N THR A 136 -2.34 -10.21 -16.93
CA THR A 136 -1.30 -10.96 -16.24
C THR A 136 -1.83 -11.49 -14.92
N GLU A 137 -1.09 -12.44 -14.33
CA GLU A 137 -1.43 -12.95 -13.01
C GLU A 137 -1.46 -11.80 -12.01
N LEU A 138 -2.46 -11.83 -11.12
CA LEU A 138 -2.56 -10.82 -10.07
C LEU A 138 -1.47 -11.10 -9.04
N CYS A 139 -0.55 -10.15 -8.90
CA CYS A 139 0.51 -10.20 -7.91
C CYS A 139 0.23 -9.23 -6.77
N GLY A 140 1.08 -9.28 -5.75
CA GLY A 140 0.92 -8.42 -4.60
C GLY A 140 1.49 -7.04 -4.83
N PRO A 141 1.77 -6.32 -3.75
CA PRO A 141 2.28 -4.95 -3.88
C PRO A 141 3.72 -4.95 -4.39
N SER A 142 4.10 -3.85 -5.01
CA SER A 142 5.47 -3.74 -5.51
C SER A 142 6.45 -3.58 -4.34
N LEU A 143 7.68 -3.99 -4.57
CA LEU A 143 8.73 -3.78 -3.57
C LEU A 143 8.89 -2.30 -3.21
N GLN A 144 8.62 -1.41 -4.18
CA GLN A 144 8.63 0.03 -3.89
C GLN A 144 7.57 0.38 -2.85
N GLN A 145 6.33 -0.09 -3.05
CA GLN A 145 5.24 0.17 -2.11
C GLN A 145 5.54 -0.44 -0.75
N HIS A 146 5.93 -1.70 -0.73
CA HIS A 146 6.22 -2.38 0.54
C HIS A 146 7.24 -1.59 1.34
N CYS A 147 8.26 -1.06 0.66
CA CYS A 147 9.31 -0.32 1.35
C CYS A 147 8.80 1.01 1.89
N GLU A 148 7.93 1.71 1.15
CA GLU A 148 7.37 2.96 1.64
C GLU A 148 6.54 2.71 2.89
N ALA A 149 5.73 1.64 2.88
CA ALA A 149 4.89 1.31 4.03
C ALA A 149 5.74 0.95 5.25
N TRP A 150 6.79 0.14 5.04
CA TRP A 150 7.65 -0.23 6.15
C TRP A 150 8.44 0.98 6.66
N GLY A 151 8.69 1.95 5.78
CA GLY A 151 9.36 3.19 6.13
C GLY A 151 10.70 3.03 6.82
N ALA A 152 11.43 1.96 6.50
CA ALA A 152 12.72 1.72 7.12
C ALA A 152 13.46 0.66 6.30
N SER A 153 14.73 0.45 6.66
CA SER A 153 15.48 -0.64 6.03
C SER A 153 14.75 -1.95 6.28
N LEU A 154 14.50 -2.69 5.21
CA LEU A 154 13.84 -3.97 5.36
C LEU A 154 14.75 -4.94 6.12
N PRO A 155 14.18 -5.88 6.86
CA PRO A 155 15.01 -6.89 7.53
C PRO A 155 15.77 -7.69 6.49
N GLU A 156 17.04 -8.00 6.80
CA GLU A 156 17.88 -8.72 5.84
C GLU A 156 17.28 -10.06 5.45
N ALA A 157 16.49 -10.66 6.34
CA ALA A 157 15.87 -11.94 6.00
C ALA A 157 14.99 -11.80 4.76
N GLN A 158 14.11 -10.79 4.75
CA GLN A 158 13.31 -10.52 3.56
C GLN A 158 14.19 -10.15 2.36
N VAL A 159 15.22 -9.34 2.62
CA VAL A 159 16.09 -8.86 1.54
C VAL A 159 16.72 -10.04 0.80
N TRP A 160 17.34 -10.98 1.54
CA TRP A 160 18.03 -12.08 0.89
C TRP A 160 17.09 -12.83 -0.05
N GLY A 161 15.88 -13.12 0.41
CA GLY A 161 14.92 -13.86 -0.41
C GLY A 161 14.57 -13.12 -1.69
N TYR A 162 14.31 -11.81 -1.58
CA TYR A 162 14.04 -11.04 -2.79
C TYR A 162 15.24 -11.08 -3.74
N LEU A 163 16.44 -10.86 -3.21
CA LEU A 163 17.65 -11.00 -4.00
C LEU A 163 17.70 -12.37 -4.67
N ARG A 164 17.33 -13.43 -3.95
CA ARG A 164 17.41 -14.77 -4.52
C ARG A 164 16.44 -14.95 -5.68
N ASP A 165 15.15 -14.67 -5.43
CA ASP A 165 14.14 -14.87 -6.46
C ASP A 165 14.38 -13.99 -7.67
N THR A 166 14.81 -12.76 -7.43
CA THR A 166 15.07 -11.87 -8.55
C THR A 166 16.28 -12.35 -9.33
N LEU A 167 17.32 -12.84 -8.63
CA LEU A 167 18.45 -13.44 -9.33
C LEU A 167 18.00 -14.65 -10.16
N LEU A 168 17.15 -15.49 -9.57
CA LEU A 168 16.57 -16.61 -10.33
C LEU A 168 15.87 -16.12 -11.58
N ALA A 169 15.05 -15.07 -11.47
CA ALA A 169 14.35 -14.57 -12.63
C ALA A 169 15.33 -14.08 -13.69
N LEU A 170 16.29 -13.24 -13.29
CA LEU A 170 17.27 -12.72 -14.23
C LEU A 170 18.05 -13.83 -14.93
N ALA A 171 18.44 -14.86 -14.18
CA ALA A 171 19.16 -15.98 -14.80
C ALA A 171 18.32 -16.60 -15.91
N HIS A 172 17.02 -16.75 -15.66
CA HIS A 172 16.10 -17.25 -16.68
C HIS A 172 16.12 -16.36 -17.92
N LEU A 173 16.08 -15.04 -17.72
CA LEU A 173 16.12 -14.11 -18.85
C LEU A 173 17.48 -14.13 -19.54
N HIS A 174 18.56 -14.10 -18.74
CA HIS A 174 19.92 -14.08 -19.27
C HIS A 174 20.25 -15.34 -20.06
N SER A 175 19.71 -16.49 -19.65
CA SER A 175 19.99 -17.74 -20.37
C SER A 175 19.46 -17.69 -21.79
N GLN A 176 18.32 -17.00 -22.01
CA GLN A 176 17.71 -16.90 -23.33
C GLN A 176 18.16 -15.65 -24.09
N GLY A 177 19.25 -15.01 -23.66
CA GLY A 177 19.75 -13.81 -24.32
C GLY A 177 18.84 -12.60 -24.19
N LEU A 178 18.23 -12.44 -23.01
CA LEU A 178 17.32 -11.33 -22.74
C LEU A 178 17.91 -10.48 -21.62
N VAL A 179 17.73 -9.17 -21.74
CA VAL A 179 18.17 -8.20 -20.73
C VAL A 179 16.96 -7.33 -20.40
N HIS A 180 16.64 -7.24 -19.10
CA HIS A 180 15.46 -6.49 -18.67
C HIS A 180 15.67 -4.99 -18.86
N LEU A 181 16.77 -4.46 -18.33
CA LEU A 181 17.21 -3.05 -18.40
C LEU A 181 16.42 -2.11 -17.51
N ASP A 182 15.42 -2.60 -16.76
CA ASP A 182 14.67 -1.73 -15.85
C ASP A 182 14.39 -2.44 -14.51
N VAL A 183 15.40 -3.08 -13.96
CA VAL A 183 15.29 -3.75 -12.66
C VAL A 183 15.31 -2.70 -11.56
N LYS A 184 14.22 -2.59 -10.80
CA LYS A 184 14.08 -1.59 -9.75
C LYS A 184 12.93 -2.00 -8.82
N PRO A 185 12.83 -1.40 -7.62
CA PRO A 185 11.74 -1.79 -6.69
C PRO A 185 10.35 -1.81 -7.31
N ALA A 186 10.02 -0.83 -8.16
CA ALA A 186 8.67 -0.70 -8.73
C ALA A 186 8.32 -1.82 -9.70
N ASN A 187 9.33 -2.49 -10.26
CA ASN A 187 9.10 -3.55 -11.23
C ASN A 187 9.19 -4.95 -10.62
N ILE A 188 9.42 -5.06 -9.32
CA ILE A 188 9.43 -6.32 -8.59
C ILE A 188 8.16 -6.38 -7.75
N PHE A 189 7.35 -7.43 -7.93
CA PHE A 189 6.08 -7.57 -7.21
C PHE A 189 6.15 -8.68 -6.17
N LEU A 190 5.67 -8.40 -4.98
CA LEU A 190 5.78 -9.34 -3.86
C LEU A 190 4.66 -10.37 -3.88
N GLY A 191 4.94 -11.52 -3.28
CA GLY A 191 3.97 -12.58 -3.21
C GLY A 191 3.99 -13.23 -1.85
N PRO A 192 3.15 -14.25 -1.66
CA PRO A 192 3.02 -14.89 -0.34
C PRO A 192 4.31 -15.56 0.09
N ARG A 193 4.55 -15.52 1.40
CA ARG A 193 5.69 -16.19 2.02
C ARG A 193 7.02 -15.63 1.50
N GLY A 194 7.10 -14.30 1.45
CA GLY A 194 8.30 -13.55 1.11
C GLY A 194 8.93 -13.88 -0.22
N ARG A 195 8.12 -14.07 -1.26
CA ARG A 195 8.59 -14.35 -2.60
C ARG A 195 8.29 -13.16 -3.48
N CYS A 196 9.16 -12.91 -4.44
CA CYS A 196 8.93 -11.80 -5.35
C CYS A 196 9.13 -12.28 -6.78
N LYS A 197 8.38 -11.65 -7.69
CA LYS A 197 8.40 -11.92 -9.11
C LYS A 197 8.79 -10.64 -9.85
N LEU A 198 9.48 -10.82 -10.98
CA LEU A 198 9.89 -9.70 -11.82
C LEU A 198 8.84 -9.45 -12.89
N GLY A 199 8.61 -8.19 -13.21
CA GLY A 199 7.63 -7.84 -14.22
C GLY A 199 8.01 -6.58 -14.97
N ASP A 200 7.12 -6.09 -15.83
CA ASP A 200 7.34 -4.93 -16.70
C ASP A 200 8.51 -5.18 -17.66
N PHE A 201 8.26 -6.10 -18.60
CA PHE A 201 9.25 -6.45 -19.62
C PHE A 201 9.16 -5.54 -20.85
N GLY A 202 8.83 -4.26 -20.65
CA GLY A 202 8.67 -3.35 -21.77
C GLY A 202 10.01 -2.95 -22.39
N LEU A 203 10.99 -2.65 -21.55
CA LEU A 203 12.31 -2.25 -22.02
C LEU A 203 13.20 -3.44 -22.37
N LEU A 204 12.68 -4.66 -22.25
CA LEU A 204 13.49 -5.86 -22.51
C LEU A 204 14.01 -5.88 -23.94
N VAL A 205 15.27 -6.25 -24.10
CA VAL A 205 15.93 -6.35 -25.40
C VAL A 205 16.51 -7.74 -25.55
N GLU A 206 16.45 -8.29 -26.76
CA GLU A 206 17.03 -9.59 -27.06
C GLU A 206 18.42 -9.39 -27.64
N LEU A 207 19.45 -9.79 -26.89
CA LEU A 207 20.82 -9.69 -27.37
C LEU A 207 21.00 -10.48 -28.66
N GLY A 208 21.74 -9.90 -29.59
CA GLY A 208 21.94 -10.53 -30.88
C GLY A 208 20.86 -10.13 -31.86
N GLU A 214 17.47 -2.26 -30.95
CA GLU A 214 16.58 -1.20 -30.49
C GLU A 214 16.48 -1.19 -28.97
N VAL A 215 16.85 -0.07 -28.37
CA VAL A 215 16.95 0.07 -26.91
C VAL A 215 16.25 1.34 -26.49
N GLN A 216 15.49 1.27 -25.39
CA GLN A 216 14.85 2.44 -24.83
C GLN A 216 15.56 2.85 -23.55
N GLU A 217 15.25 4.04 -23.05
CA GLU A 217 15.95 4.56 -21.87
C GLU A 217 15.34 3.98 -20.60
N GLY A 218 16.21 3.73 -19.61
CA GLY A 218 15.81 3.27 -18.31
C GLY A 218 16.14 4.31 -17.25
N ASP A 219 15.78 3.99 -16.01
CA ASP A 219 15.99 4.91 -14.92
C ASP A 219 17.50 5.07 -14.68
N PRO A 220 18.02 6.30 -14.73
CA PRO A 220 19.47 6.48 -14.51
C PRO A 220 19.94 6.03 -13.14
N ARG A 221 19.05 6.11 -12.13
CA ARG A 221 19.46 5.75 -10.77
C ARG A 221 19.94 4.31 -10.69
N TYR A 222 19.39 3.41 -11.51
CA TYR A 222 19.71 1.99 -11.42
C TYR A 222 20.54 1.48 -12.61
N MET A 223 21.08 2.37 -13.44
CA MET A 223 21.74 1.91 -14.66
C MET A 223 23.21 1.57 -14.41
N ALA A 224 23.68 0.55 -15.12
CA ALA A 224 25.08 0.19 -15.01
C ALA A 224 25.93 1.23 -15.73
N PRO A 225 27.13 1.49 -15.22
CA PRO A 225 27.99 2.52 -15.86
C PRO A 225 28.38 2.22 -17.28
N GLU A 226 28.46 0.93 -17.66
CA GLU A 226 28.84 0.59 -19.03
C GLU A 226 27.83 1.09 -20.04
N LEU A 227 26.57 1.24 -19.62
CA LEU A 227 25.52 1.66 -20.55
C LEU A 227 25.81 3.04 -21.12
N LEU A 228 26.49 3.89 -20.34
CA LEU A 228 26.83 5.22 -20.82
C LEU A 228 27.67 5.18 -22.09
N GLN A 229 28.51 4.16 -22.23
CA GLN A 229 29.34 3.97 -23.41
C GLN A 229 28.70 3.01 -24.40
N GLY A 230 27.42 2.69 -24.21
CA GLY A 230 26.68 1.84 -25.12
C GLY A 230 26.91 0.35 -24.96
N SER A 231 27.65 -0.07 -23.94
CA SER A 231 27.89 -1.48 -23.71
C SER A 231 26.68 -2.08 -23.00
N TYR A 232 25.94 -2.94 -23.69
CA TYR A 232 24.69 -3.52 -23.19
C TYR A 232 24.86 -5.04 -23.10
N GLY A 233 24.58 -5.59 -21.92
CA GLY A 233 24.67 -7.02 -21.72
C GLY A 233 23.90 -7.41 -20.49
N THR A 234 23.82 -8.73 -20.25
CA THR A 234 23.16 -9.20 -19.05
C THR A 234 23.77 -8.61 -17.79
N ALA A 235 25.07 -8.23 -17.85
CA ALA A 235 25.71 -7.68 -16.65
C ALA A 235 24.96 -6.44 -16.14
N ALA A 236 24.39 -5.65 -17.05
CA ALA A 236 23.69 -4.43 -16.63
C ALA A 236 22.57 -4.75 -15.64
N ASP A 237 21.77 -5.79 -15.90
CA ASP A 237 20.68 -6.12 -14.98
C ASP A 237 21.23 -6.45 -13.60
N VAL A 238 22.33 -7.19 -13.55
CA VAL A 238 22.92 -7.57 -12.26
C VAL A 238 23.31 -6.34 -11.47
N PHE A 239 23.91 -5.36 -12.14
CA PHE A 239 24.24 -4.13 -11.45
C PHE A 239 22.99 -3.40 -10.96
N SER A 240 21.91 -3.39 -11.77
CA SER A 240 20.67 -2.75 -11.36
C SER A 240 20.10 -3.42 -10.13
N LEU A 241 20.10 -4.76 -10.13
CA LEU A 241 19.61 -5.49 -8.97
C LEU A 241 20.47 -5.18 -7.73
N GLY A 242 21.76 -4.94 -7.94
CA GLY A 242 22.60 -4.58 -6.82
C GLY A 242 22.16 -3.28 -6.17
N LEU A 243 21.96 -2.25 -6.99
CA LEU A 243 21.46 -0.99 -6.45
C LEU A 243 20.06 -1.14 -5.89
N THR A 244 19.23 -1.99 -6.51
CA THR A 244 17.91 -2.26 -5.97
C THR A 244 18.02 -2.80 -4.55
N ILE A 245 18.83 -3.84 -4.37
CA ILE A 245 18.99 -4.42 -3.05
C ILE A 245 19.58 -3.40 -2.07
N LEU A 246 20.59 -2.65 -2.53
CA LEU A 246 21.17 -1.62 -1.66
C LEU A 246 20.11 -0.61 -1.20
N GLU A 247 19.22 -0.19 -2.11
CA GLU A 247 18.19 0.80 -1.77
C GLU A 247 17.26 0.28 -0.68
N VAL A 248 16.75 -0.96 -0.84
CA VAL A 248 15.78 -1.48 0.10
C VAL A 248 16.44 -1.90 1.40
N ALA A 249 17.72 -2.27 1.38
CA ALA A 249 18.38 -2.76 2.58
C ALA A 249 18.92 -1.65 3.46
N CYS A 250 19.12 -0.46 2.91
CA CYS A 250 19.68 0.67 3.67
C CYS A 250 18.75 1.86 3.65
N ASN A 251 17.55 1.73 3.08
CA ASN A 251 16.61 2.84 2.93
C ASN A 251 17.31 4.07 2.37
N MET A 252 18.07 3.86 1.29
CA MET A 252 18.87 4.91 0.67
C MET A 252 18.26 5.32 -0.67
N GLU A 253 17.98 6.62 -0.83
CA GLU A 253 17.46 7.17 -2.08
C GLU A 253 18.58 7.27 -3.10
N LEU A 254 18.48 6.50 -4.18
CA LEU A 254 19.54 6.45 -5.17
C LEU A 254 19.63 7.79 -5.90
N PRO A 255 20.84 8.23 -6.24
CA PRO A 255 21.01 9.52 -6.90
C PRO A 255 20.72 9.42 -8.39
N HIS A 256 20.05 10.46 -8.92
CA HIS A 256 19.80 10.54 -10.36
C HIS A 256 21.06 10.92 -11.13
N GLY A 257 21.90 11.76 -10.53
CA GLY A 257 23.11 12.22 -11.20
C GLY A 257 23.99 12.93 -10.20
N GLY A 258 25.15 13.37 -10.69
CA GLY A 258 26.11 14.07 -9.85
C GLY A 258 27.19 13.15 -9.33
N GLU A 259 27.96 13.69 -8.38
CA GLU A 259 29.06 12.92 -7.79
C GLU A 259 28.55 11.67 -7.07
N GLY A 260 27.40 11.79 -6.40
CA GLY A 260 26.82 10.63 -5.75
C GLY A 260 26.53 9.50 -6.71
N TRP A 261 26.04 9.82 -7.90
CA TRP A 261 25.85 8.80 -8.93
C TRP A 261 27.17 8.10 -9.26
N GLN A 262 28.29 8.84 -9.22
CA GLN A 262 29.58 8.26 -9.55
C GLN A 262 30.13 7.38 -8.44
N GLN A 263 30.02 7.84 -7.18
CA GLN A 263 30.55 7.08 -6.05
C GLN A 263 30.02 5.65 -6.03
N LEU A 264 28.73 5.47 -6.31
CA LEU A 264 28.13 4.14 -6.35
C LEU A 264 28.60 3.33 -7.55
N ARG A 265 29.33 3.94 -8.48
CA ARG A 265 29.76 3.25 -9.70
C ARG A 265 31.28 3.23 -9.81
N GLN A 266 31.96 3.18 -8.66
CA GLN A 266 33.41 3.11 -8.60
C GLN A 266 33.88 1.89 -7.82
N GLY A 267 32.97 0.99 -7.47
CA GLY A 267 33.32 -0.24 -6.78
C GLY A 267 33.44 -0.11 -5.28
N TYR A 268 33.29 1.09 -4.72
CA TYR A 268 33.38 1.33 -3.28
C TYR A 268 32.02 1.77 -2.76
N LEU A 269 31.43 0.98 -1.84
CA LEU A 269 30.15 1.34 -1.22
C LEU A 269 30.33 2.42 -0.15
N PRO A 270 29.30 3.23 0.09
CA PRO A 270 29.40 4.27 1.12
C PRO A 270 29.26 3.67 2.51
N PRO A 271 30.28 3.81 3.36
CA PRO A 271 30.22 3.22 4.69
C PRO A 271 29.14 3.81 5.58
N GLU A 272 28.65 5.00 5.27
CA GLU A 272 27.68 5.66 6.15
C GLU A 272 26.36 4.89 6.24
N PHE A 273 25.87 4.38 5.11
CA PHE A 273 24.62 3.63 5.12
C PHE A 273 24.83 2.12 5.21
N THR A 274 25.93 1.61 4.67
CA THR A 274 26.20 0.19 4.65
C THR A 274 26.71 -0.32 5.98
N ALA A 275 26.57 0.47 7.05
CA ALA A 275 27.06 0.06 8.36
C ALA A 275 26.29 -1.16 8.87
N GLY A 276 24.96 -1.08 8.88
CA GLY A 276 24.15 -2.17 9.39
C GLY A 276 24.17 -3.41 8.52
N LEU A 277 24.69 -3.32 7.30
CA LEU A 277 24.75 -4.47 6.43
C LEU A 277 25.67 -5.55 7.01
N SER A 278 25.20 -6.79 6.98
CA SER A 278 26.05 -7.90 7.38
C SER A 278 27.24 -8.04 6.43
N SER A 279 28.29 -8.68 6.94
CA SER A 279 29.48 -8.91 6.14
C SER A 279 29.16 -9.68 4.86
N GLU A 280 28.31 -10.71 4.98
CA GLU A 280 27.97 -11.52 3.81
C GLU A 280 27.22 -10.70 2.76
N LEU A 281 26.19 -9.96 3.17
CA LEU A 281 25.42 -9.18 2.21
C LEU A 281 26.30 -8.16 1.49
N ARG A 282 27.16 -7.46 2.25
CA ARG A 282 28.04 -6.45 1.65
C ARG A 282 28.92 -7.07 0.58
N SER A 283 29.45 -8.27 0.82
CA SER A 283 30.31 -8.93 -0.15
C SER A 283 29.55 -9.24 -1.43
N VAL A 284 28.33 -9.76 -1.28
CA VAL A 284 27.48 -10.02 -2.45
C VAL A 284 27.20 -8.71 -3.19
N LEU A 285 26.94 -7.63 -2.46
CA LEU A 285 26.67 -6.36 -3.11
C LEU A 285 27.88 -5.85 -3.88
N VAL A 286 29.07 -6.00 -3.31
CA VAL A 286 30.27 -5.58 -4.03
C VAL A 286 30.43 -6.37 -5.31
N MET A 287 30.09 -7.66 -5.29
CA MET A 287 30.18 -8.44 -6.53
C MET A 287 29.25 -7.88 -7.59
N MET A 288 28.03 -7.51 -7.19
CA MET A 288 27.05 -7.05 -8.16
C MET A 288 27.34 -5.65 -8.65
N LEU A 289 28.00 -4.81 -7.84
CA LEU A 289 28.26 -3.43 -8.25
C LEU A 289 29.65 -3.25 -8.85
N GLU A 290 30.26 -4.34 -9.29
CA GLU A 290 31.60 -4.29 -9.89
C GLU A 290 31.57 -3.43 -11.14
N PRO A 291 32.34 -2.34 -11.18
CA PRO A 291 32.25 -1.41 -12.32
C PRO A 291 32.45 -2.05 -13.68
N ASP A 292 33.38 -2.99 -13.81
CA ASP A 292 33.69 -3.57 -15.12
C ASP A 292 32.74 -4.71 -15.41
N PRO A 293 31.86 -4.60 -16.42
CA PRO A 293 30.95 -5.72 -16.72
C PRO A 293 31.67 -7.00 -17.05
N LYS A 294 32.89 -6.92 -17.61
CA LYS A 294 33.63 -8.13 -17.92
C LYS A 294 34.00 -8.88 -16.65
N LEU A 295 34.25 -8.16 -15.55
CA LEU A 295 34.60 -8.78 -14.29
C LEU A 295 33.42 -8.96 -13.34
N ARG A 296 32.28 -8.34 -13.64
CA ARG A 296 31.11 -8.42 -12.76
C ARG A 296 30.57 -9.84 -12.69
N ALA A 297 29.98 -10.19 -11.54
CA ALA A 297 29.49 -11.53 -11.37
C ALA A 297 28.21 -11.74 -12.18
N THR A 298 27.91 -13.01 -12.44
CA THR A 298 26.71 -13.39 -13.16
C THR A 298 25.68 -13.91 -12.17
N ALA A 299 24.42 -13.96 -12.61
CA ALA A 299 23.35 -14.40 -11.73
C ALA A 299 23.59 -15.83 -11.27
N GLU A 300 23.87 -16.73 -12.22
CA GLU A 300 24.09 -18.14 -11.86
C GLU A 300 25.23 -18.27 -10.86
N ALA A 301 26.31 -17.52 -11.07
CA ALA A 301 27.43 -17.55 -10.12
C ALA A 301 27.00 -17.10 -8.74
N LEU A 302 26.29 -15.97 -8.67
CA LEU A 302 25.79 -15.49 -7.38
C LEU A 302 24.86 -16.52 -6.76
N LEU A 303 23.94 -17.06 -7.56
CA LEU A 303 23.00 -18.06 -7.07
C LEU A 303 23.72 -19.30 -6.57
N ALA A 304 24.87 -19.63 -7.18
CA ALA A 304 25.66 -20.78 -6.74
C ALA A 304 26.39 -20.50 -5.43
N LEU A 305 26.63 -19.23 -5.10
CA LEU A 305 27.27 -18.89 -3.83
C LEU A 305 26.51 -19.51 -2.66
N PRO A 306 27.22 -19.96 -1.61
CA PRO A 306 26.53 -20.66 -0.50
C PRO A 306 25.45 -19.82 0.17
N VAL A 307 25.73 -18.55 0.45
CA VAL A 307 24.75 -17.71 1.14
C VAL A 307 23.44 -17.65 0.37
N LEU A 308 23.49 -17.64 -0.96
CA LEU A 308 22.30 -17.53 -1.80
C LEU A 308 21.78 -18.88 -2.28
N ARG A 309 22.43 -19.98 -1.93
CA ARG A 309 21.87 -21.28 -2.25
C ARG A 309 20.58 -21.48 -1.47
N GLN A 310 19.56 -22.02 -2.13
CA GLN A 310 18.22 -22.23 -1.59
C GLN A 310 17.86 -21.36 -0.38
N LEU B 26 -13.57 34.72 4.62
CA LEU B 26 -12.59 35.58 3.97
C LEU B 26 -11.21 35.45 4.61
N GLN B 27 -11.14 34.82 5.78
CA GLN B 27 -9.94 34.77 6.60
C GLN B 27 -9.86 33.46 7.36
N PRO B 28 -8.70 32.80 7.40
CA PRO B 28 -8.58 31.55 8.17
C PRO B 28 -8.59 31.81 9.66
N ARG B 29 -9.32 30.97 10.40
CA ARG B 29 -9.43 31.10 11.85
C ARG B 29 -9.12 29.76 12.49
N ARG B 30 -8.27 29.77 13.52
CA ARG B 30 -7.86 28.55 14.19
C ARG B 30 -9.02 27.96 14.99
N VAL B 31 -8.96 26.64 15.22
CA VAL B 31 -9.98 25.90 15.94
C VAL B 31 -9.31 25.02 16.99
N SER B 32 -9.61 25.29 18.26
CA SER B 32 -9.12 24.44 19.34
C SER B 32 -10.09 24.56 20.51
N PHE B 33 -10.12 23.51 21.34
CA PHE B 33 -11.04 23.48 22.46
C PHE B 33 -10.27 23.49 23.79
N GLU B 36 -10.46 28.77 24.83
CA GLU B 36 -9.52 29.29 23.84
C GLU B 36 -10.16 30.44 23.04
N ALA B 37 -9.55 30.80 21.92
CA ALA B 37 -10.04 31.88 21.09
C ALA B 37 -9.68 31.63 19.63
N SER B 38 -10.45 32.23 18.73
CA SER B 38 -10.34 31.95 17.30
C SER B 38 -9.28 32.86 16.67
N GLU B 39 -8.02 32.54 16.97
CA GLU B 39 -6.91 33.29 16.40
C GLU B 39 -6.79 33.00 14.90
N THR B 40 -6.53 34.05 14.12
CA THR B 40 -6.41 33.91 12.67
C THR B 40 -5.00 33.52 12.29
N PRO B 44 3.61 32.42 7.87
CA PRO B 44 4.88 32.36 7.15
C PRO B 44 4.76 31.86 5.71
N GLY B 45 4.08 32.62 4.86
CA GLY B 45 3.95 32.24 3.46
C GLY B 45 2.55 32.46 2.91
N TYR B 46 1.74 33.18 3.67
CA TYR B 46 0.36 33.42 3.30
C TYR B 46 0.21 34.86 2.81
N ASP B 47 -0.41 35.02 1.64
CA ASP B 47 -0.67 36.31 1.01
C ASP B 47 -2.14 36.65 1.21
N PRO B 48 -2.50 37.30 2.32
CA PRO B 48 -3.92 37.58 2.57
C PRO B 48 -4.60 38.30 1.41
N SER B 49 -3.89 39.22 0.75
CA SER B 49 -4.46 39.91 -0.39
C SER B 49 -4.81 38.94 -1.51
N ARG B 50 -3.96 37.93 -1.73
CA ARG B 50 -4.21 36.96 -2.79
C ARG B 50 -5.56 36.28 -2.58
N PRO B 51 -6.31 36.01 -3.64
CA PRO B 51 -7.61 35.34 -3.53
C PRO B 51 -7.48 33.81 -3.49
N GLU B 52 -6.68 33.31 -2.55
CA GLU B 52 -6.46 31.88 -2.43
C GLU B 52 -6.56 31.48 -0.96
N SER B 53 -7.00 30.24 -0.74
CA SER B 53 -7.17 29.75 0.62
C SER B 53 -5.82 29.50 1.27
N PHE B 54 -5.78 29.60 2.60
CA PHE B 54 -4.54 29.28 3.31
C PHE B 54 -4.07 27.88 2.97
N PHE B 55 -5.01 26.96 2.75
CA PHE B 55 -4.68 25.61 2.30
C PHE B 55 -4.08 25.63 0.91
N GLN B 56 -4.70 26.37 -0.01
CA GLN B 56 -4.18 26.41 -1.37
C GLN B 56 -2.93 27.27 -1.50
N GLN B 57 -2.57 28.03 -0.47
CA GLN B 57 -1.43 28.94 -0.54
C GLN B 57 -0.26 28.56 0.36
N SER B 58 -0.51 27.88 1.48
CA SER B 58 0.52 27.53 2.44
C SER B 58 0.88 26.05 2.39
N PHE B 59 0.34 25.29 1.43
CA PHE B 59 0.57 23.87 1.29
C PHE B 59 0.60 23.53 -0.20
N GLN B 60 1.24 22.39 -0.52
CA GLN B 60 1.30 21.88 -1.88
C GLN B 60 0.60 20.53 -1.91
N ARG B 61 -0.43 20.40 -2.75
CA ARG B 61 -1.25 19.19 -2.83
C ARG B 61 -0.52 18.12 -3.64
N LEU B 62 0.22 17.27 -2.92
CA LEU B 62 1.01 16.20 -3.55
C LEU B 62 0.11 15.09 -4.10
N SER B 63 -0.95 14.74 -3.37
CA SER B 63 -1.83 13.66 -3.78
C SER B 63 -3.18 13.82 -3.08
N ARG B 64 -4.18 13.13 -3.62
CA ARG B 64 -5.51 13.05 -3.03
C ARG B 64 -5.60 11.71 -2.31
N LEU B 65 -5.32 11.71 -1.00
CA LEU B 65 -5.39 10.46 -0.23
C LEU B 65 -6.78 9.86 -0.25
N GLY B 66 -7.82 10.68 -0.40
CA GLY B 66 -9.17 10.16 -0.45
C GLY B 66 -10.18 11.28 -0.61
N HIS B 67 -11.40 10.88 -0.92
CA HIS B 67 -12.48 11.86 -1.08
C HIS B 67 -13.83 11.18 -0.83
N GLY B 68 -14.78 11.97 -0.34
CA GLY B 68 -16.09 11.44 -0.03
C GLY B 68 -16.98 12.53 0.53
N SER B 69 -18.16 12.12 1.03
CA SER B 69 -19.08 13.12 1.60
C SER B 69 -18.41 13.91 2.71
N TYR B 70 -17.54 13.26 3.49
CA TYR B 70 -16.77 13.99 4.49
C TYR B 70 -15.97 15.11 3.86
N GLY B 71 -15.55 14.92 2.61
CA GLY B 71 -14.72 15.89 1.91
C GLY B 71 -13.58 15.23 1.17
N GLU B 72 -12.38 15.74 1.36
CA GLU B 72 -11.20 15.27 0.66
C GLU B 72 -10.02 15.28 1.61
N VAL B 73 -9.20 14.23 1.52
CA VAL B 73 -7.95 14.12 2.25
C VAL B 73 -6.80 14.17 1.25
N PHE B 74 -5.84 15.06 1.51
CA PHE B 74 -4.72 15.27 0.60
C PHE B 74 -3.41 15.04 1.34
N LYS B 75 -2.49 14.36 0.67
CA LYS B 75 -1.10 14.32 1.13
C LYS B 75 -0.49 15.64 0.67
N VAL B 76 0.11 16.38 1.59
CA VAL B 76 0.57 17.73 1.30
C VAL B 76 1.90 17.96 2.01
N ARG B 77 2.64 18.95 1.52
CA ARG B 77 3.86 19.42 2.15
C ARG B 77 3.71 20.90 2.46
N SER B 78 4.00 21.27 3.71
CA SER B 78 3.87 22.65 4.14
C SER B 78 4.85 23.56 3.41
N LYS B 79 4.36 24.71 2.93
CA LYS B 79 5.23 25.71 2.35
C LYS B 79 5.97 26.52 3.42
N GLU B 80 5.90 26.11 4.69
CA GLU B 80 6.61 26.79 5.77
C GLU B 80 7.58 25.90 6.54
N ASP B 81 7.35 24.59 6.59
CA ASP B 81 8.28 23.67 7.27
C ASP B 81 8.78 22.55 6.36
N GLY B 82 8.22 22.38 5.17
CA GLY B 82 8.62 21.33 4.27
C GLY B 82 8.17 19.95 4.70
N ARG B 83 7.90 19.80 6.00
CA ARG B 83 7.49 18.51 6.54
C ARG B 83 6.20 18.04 5.88
N LEU B 84 6.07 16.71 5.78
CA LEU B 84 4.89 16.10 5.18
C LEU B 84 3.76 16.01 6.20
N TYR B 85 2.54 16.25 5.75
CA TYR B 85 1.36 16.21 6.62
C TYR B 85 0.19 15.71 5.79
N ALA B 86 -0.89 15.34 6.49
CA ALA B 86 -2.16 14.96 5.87
C ALA B 86 -3.22 15.98 6.28
N VAL B 87 -4.01 16.43 5.31
CA VAL B 87 -5.04 17.44 5.55
C VAL B 87 -6.37 16.95 4.99
N LYS B 88 -7.41 17.05 5.80
CA LYS B 88 -8.77 16.72 5.42
C LYS B 88 -9.57 18.02 5.39
N ARG B 89 -10.43 18.19 4.38
CA ARG B 89 -11.28 19.37 4.27
C ARG B 89 -12.72 18.95 3.98
N SER B 90 -13.68 19.69 4.54
CA SER B 90 -15.09 19.37 4.31
C SER B 90 -15.52 19.79 2.90
N MET B 91 -16.48 19.03 2.34
CA MET B 91 -16.94 19.22 0.98
C MET B 91 -17.72 20.53 0.79
N SER B 92 -18.85 20.67 1.51
CA SER B 92 -19.70 21.84 1.34
C SER B 92 -19.57 22.79 2.53
N PRO B 93 -19.84 24.09 2.33
CA PRO B 93 -19.76 25.05 3.44
C PRO B 93 -20.77 24.76 4.56
N PHE B 94 -20.51 25.32 5.74
CA PHE B 94 -21.38 25.08 6.89
C PHE B 94 -22.82 25.45 6.60
N ARG B 95 -23.72 24.47 6.78
CA ARG B 95 -25.13 24.71 6.50
C ARG B 95 -25.77 25.51 7.62
N GLY B 96 -25.57 25.07 8.87
CA GLY B 96 -26.11 25.74 10.01
C GLY B 96 -25.21 25.62 11.23
N PRO B 97 -25.68 26.16 12.36
CA PRO B 97 -24.89 26.10 13.61
C PRO B 97 -24.63 24.69 14.07
N LYS B 98 -25.60 23.78 13.88
CA LYS B 98 -25.39 22.40 14.31
C LYS B 98 -24.32 21.72 13.45
N ASP B 99 -24.45 21.82 12.13
CA ASP B 99 -23.44 21.23 11.25
C ASP B 99 -22.04 21.72 11.60
N ARG B 100 -21.90 23.02 11.84
CA ARG B 100 -20.60 23.57 12.22
C ARG B 100 -20.12 22.95 13.54
N ALA B 101 -21.00 22.93 14.55
CA ALA B 101 -20.61 22.40 15.85
C ALA B 101 -20.26 20.91 15.76
N ARG B 102 -21.09 20.13 15.05
CA ARG B 102 -20.80 18.70 14.90
C ARG B 102 -19.48 18.49 14.17
N LYS B 103 -19.22 19.28 13.12
CA LYS B 103 -17.97 19.13 12.38
C LYS B 103 -16.78 19.51 13.26
N LEU B 104 -16.86 20.68 13.91
CA LEU B 104 -15.78 21.13 14.77
C LEU B 104 -15.56 20.23 15.98
N ALA B 105 -16.56 19.42 16.35
CA ALA B 105 -16.41 18.51 17.48
C ALA B 105 -15.29 17.51 17.25
N GLU B 106 -15.05 17.10 15.99
CA GLU B 106 -13.98 16.15 15.72
C GLU B 106 -12.65 16.68 16.26
N VAL B 107 -12.41 17.97 16.09
CA VAL B 107 -11.20 18.60 16.64
C VAL B 107 -11.17 18.42 18.15
N GLY B 108 -12.27 18.74 18.82
CA GLY B 108 -12.33 18.55 20.26
C GLY B 108 -12.11 17.11 20.67
N SER B 109 -12.81 16.18 20.02
CA SER B 109 -12.61 14.76 20.33
C SER B 109 -11.16 14.35 20.09
N HIS B 110 -10.57 14.81 18.99
CA HIS B 110 -9.16 14.52 18.70
C HIS B 110 -8.27 15.06 19.83
N GLU B 111 -8.58 16.26 20.33
CA GLU B 111 -7.81 16.84 21.44
C GLU B 111 -7.95 16.00 22.71
N LYS B 112 -9.15 15.49 23.00
CA LYS B 112 -9.34 14.70 24.21
C LYS B 112 -8.46 13.46 24.19
N VAL B 113 -8.36 12.79 23.04
CA VAL B 113 -7.47 11.64 22.89
C VAL B 113 -6.04 12.04 23.22
N GLY B 114 -5.62 13.23 22.77
CA GLY B 114 -4.27 13.70 23.03
C GLY B 114 -3.24 13.03 22.15
N GLN B 115 -2.05 12.85 22.69
CA GLN B 115 -0.92 12.27 21.97
C GLN B 115 -0.63 10.89 22.55
N HIS B 116 -0.83 9.85 21.74
CA HIS B 116 -0.56 8.48 22.12
C HIS B 116 0.17 7.82 20.96
N PRO B 117 1.16 6.97 21.25
CA PRO B 117 1.93 6.36 20.15
C PRO B 117 1.07 5.66 19.11
N CYS B 118 -0.08 5.11 19.50
CA CYS B 118 -0.93 4.36 18.60
C CYS B 118 -2.16 5.15 18.17
N CYS B 119 -2.05 6.48 18.12
CA CYS B 119 -3.15 7.34 17.73
C CYS B 119 -2.64 8.38 16.76
N VAL B 120 -3.41 8.61 15.68
CA VAL B 120 -3.09 9.65 14.73
C VAL B 120 -3.06 11.00 15.45
N ARG B 121 -2.01 11.77 15.22
CA ARG B 121 -1.81 13.04 15.90
C ARG B 121 -2.29 14.20 15.03
N LEU B 122 -2.98 15.16 15.66
CA LEU B 122 -3.45 16.34 14.96
C LEU B 122 -2.44 17.47 15.12
N GLU B 123 -2.05 18.07 14.00
CA GLU B 123 -1.11 19.19 14.04
C GLU B 123 -1.84 20.51 14.30
N GLN B 124 -2.70 20.92 13.37
CA GLN B 124 -3.42 22.18 13.49
C GLN B 124 -4.78 22.05 12.82
N ALA B 125 -5.73 22.89 13.26
CA ALA B 125 -7.06 22.90 12.71
C ALA B 125 -7.54 24.33 12.53
N TRP B 126 -8.21 24.60 11.42
CA TRP B 126 -8.66 25.95 11.11
C TRP B 126 -9.91 25.88 10.25
N GLU B 127 -10.51 27.05 10.04
CA GLU B 127 -11.75 27.18 9.28
C GLU B 127 -11.62 28.36 8.34
N GLU B 128 -12.29 28.26 7.18
CA GLU B 128 -12.28 29.34 6.20
C GLU B 128 -13.42 29.09 5.23
N GLY B 129 -14.19 30.13 4.93
CA GLY B 129 -15.29 30.00 3.99
C GLY B 129 -16.28 28.91 4.34
N GLY B 130 -16.52 28.68 5.63
CA GLY B 130 -17.40 27.63 6.07
C GLY B 130 -16.89 26.22 5.89
N ILE B 131 -15.57 26.07 5.71
CA ILE B 131 -14.92 24.78 5.47
C ILE B 131 -13.97 24.51 6.62
N LEU B 132 -14.00 23.30 7.15
CA LEU B 132 -13.11 22.90 8.23
C LEU B 132 -11.88 22.15 7.71
N TYR B 133 -10.72 22.49 8.26
CA TYR B 133 -9.47 21.87 7.87
C TYR B 133 -8.80 21.27 9.09
N LEU B 134 -8.42 19.99 8.99
CA LEU B 134 -7.68 19.28 10.03
C LEU B 134 -6.36 18.82 9.44
N GLN B 135 -5.26 19.17 10.10
CA GLN B 135 -3.92 18.79 9.67
C GLN B 135 -3.35 17.75 10.63
N THR B 136 -3.10 16.54 10.14
CA THR B 136 -2.59 15.46 10.97
C THR B 136 -1.28 14.95 10.41
N GLU B 137 -0.56 14.20 11.25
CA GLU B 137 0.65 13.53 10.80
C GLU B 137 0.35 12.64 9.60
N LEU B 138 1.26 12.64 8.64
CA LEU B 138 1.13 11.77 7.48
C LEU B 138 1.45 10.34 7.90
N CYS B 139 0.46 9.47 7.86
CA CYS B 139 0.63 8.06 8.14
C CYS B 139 0.58 7.31 6.82
N GLY B 140 0.86 6.01 6.89
CA GLY B 140 0.90 5.17 5.72
C GLY B 140 -0.50 4.77 5.33
N PRO B 141 -0.64 3.66 4.61
CA PRO B 141 -1.96 3.21 4.16
C PRO B 141 -2.83 2.68 5.28
N SER B 142 -4.14 2.72 5.05
CA SER B 142 -5.09 2.16 6.00
C SER B 142 -5.02 0.64 5.95
N LEU B 143 -5.37 0.01 7.06
CA LEU B 143 -5.40 -1.45 7.08
C LEU B 143 -6.36 -1.98 6.02
N GLN B 144 -7.45 -1.25 5.78
CA GLN B 144 -8.35 -1.65 4.71
C GLN B 144 -7.61 -1.72 3.39
N GLN B 145 -6.86 -0.67 3.06
CA GLN B 145 -6.08 -0.67 1.82
C GLN B 145 -5.03 -1.77 1.83
N HIS B 146 -4.23 -1.84 2.89
CA HIS B 146 -3.14 -2.82 2.97
C HIS B 146 -3.67 -4.23 2.77
N CYS B 147 -4.84 -4.54 3.31
CA CYS B 147 -5.38 -5.89 3.13
C CYS B 147 -5.85 -6.12 1.69
N GLU B 148 -6.47 -5.11 1.06
CA GLU B 148 -6.88 -5.27 -0.34
C GLU B 148 -5.67 -5.50 -1.24
N ALA B 149 -4.54 -4.82 -0.96
CA ALA B 149 -3.35 -4.98 -1.79
C ALA B 149 -2.83 -6.41 -1.75
N TRP B 150 -2.64 -6.96 -0.54
CA TRP B 150 -2.18 -8.34 -0.42
C TRP B 150 -3.28 -9.33 -0.80
N GLY B 151 -4.54 -8.92 -0.69
CA GLY B 151 -5.65 -9.75 -1.15
C GLY B 151 -5.72 -11.13 -0.53
N ALA B 152 -5.34 -11.27 0.73
CA ALA B 152 -5.37 -12.55 1.43
C ALA B 152 -5.29 -12.31 2.92
N SER B 153 -5.52 -13.37 3.69
CA SER B 153 -5.42 -13.29 5.14
C SER B 153 -4.01 -12.89 5.55
N LEU B 154 -3.90 -11.85 6.36
CA LEU B 154 -2.60 -11.41 6.84
C LEU B 154 -1.97 -12.47 7.76
N PRO B 155 -0.64 -12.54 7.82
CA PRO B 155 0.00 -13.46 8.76
C PRO B 155 -0.38 -13.13 10.19
N GLU B 156 -0.58 -14.18 11.00
CA GLU B 156 -1.00 -13.98 12.38
C GLU B 156 -0.02 -13.11 13.15
N ALA B 157 1.26 -13.14 12.79
CA ALA B 157 2.24 -12.30 13.47
C ALA B 157 1.91 -10.82 13.30
N GLN B 158 1.65 -10.39 12.05
CA GLN B 158 1.25 -9.01 11.82
C GLN B 158 -0.06 -8.69 12.51
N VAL B 159 -1.02 -9.63 12.44
CA VAL B 159 -2.31 -9.44 13.08
C VAL B 159 -2.12 -9.14 14.57
N TRP B 160 -1.33 -9.98 15.26
CA TRP B 160 -1.13 -9.78 16.70
C TRP B 160 -0.59 -8.39 17.01
N GLY B 161 0.39 -7.92 16.22
CA GLY B 161 0.92 -6.59 16.45
C GLY B 161 -0.13 -5.52 16.27
N TYR B 162 -0.89 -5.60 15.17
CA TYR B 162 -1.96 -4.63 14.94
C TYR B 162 -3.03 -4.73 16.03
N LEU B 163 -3.45 -5.96 16.37
CA LEU B 163 -4.37 -6.12 17.49
C LEU B 163 -3.83 -5.45 18.75
N ARG B 164 -2.52 -5.62 19.02
CA ARG B 164 -1.93 -5.02 20.21
C ARG B 164 -1.96 -3.50 20.12
N ASP B 165 -1.40 -2.93 19.04
CA ASP B 165 -1.32 -1.48 18.94
C ASP B 165 -2.70 -0.85 18.95
N THR B 166 -3.67 -1.44 18.27
CA THR B 166 -5.00 -0.88 18.34
C THR B 166 -5.59 -1.05 19.74
N LEU B 167 -5.33 -2.20 20.38
CA LEU B 167 -5.78 -2.37 21.77
C LEU B 167 -5.14 -1.33 22.68
N LEU B 168 -3.84 -1.05 22.47
CA LEU B 168 -3.21 0.04 23.20
C LEU B 168 -3.96 1.34 22.99
N ALA B 169 -4.32 1.64 21.73
CA ALA B 169 -5.05 2.87 21.45
C ALA B 169 -6.38 2.89 22.18
N LEU B 170 -7.16 1.81 22.06
CA LEU B 170 -8.46 1.73 22.71
C LEU B 170 -8.35 1.93 24.22
N ALA B 171 -7.35 1.30 24.85
CA ALA B 171 -7.18 1.44 26.29
C ALA B 171 -6.94 2.90 26.67
N HIS B 172 -6.10 3.60 25.90
CA HIS B 172 -5.88 5.03 26.13
C HIS B 172 -7.20 5.78 26.08
N LEU B 173 -8.03 5.51 25.07
CA LEU B 173 -9.32 6.17 24.95
C LEU B 173 -10.27 5.68 26.03
N HIS B 174 -10.37 4.36 26.21
CA HIS B 174 -11.30 3.83 27.21
C HIS B 174 -10.98 4.31 28.61
N SER B 175 -9.68 4.49 28.91
CA SER B 175 -9.31 4.99 30.23
C SER B 175 -9.86 6.39 30.49
N GLN B 176 -9.97 7.20 29.45
CA GLN B 176 -10.43 8.58 29.60
C GLN B 176 -11.94 8.73 29.41
N GLY B 177 -12.69 7.64 29.47
CA GLY B 177 -14.14 7.69 29.29
C GLY B 177 -14.56 8.07 27.89
N LEU B 178 -13.85 7.59 26.88
CA LEU B 178 -14.10 7.90 25.48
C LEU B 178 -14.42 6.60 24.75
N VAL B 179 -15.33 6.66 23.79
CA VAL B 179 -15.66 5.51 22.96
C VAL B 179 -15.55 5.95 21.50
N HIS B 180 -14.80 5.17 20.70
CA HIS B 180 -14.56 5.54 19.31
C HIS B 180 -15.83 5.37 18.47
N LEU B 181 -16.46 4.20 18.56
CA LEU B 181 -17.73 3.86 17.89
C LEU B 181 -17.57 3.62 16.40
N ASP B 182 -16.37 3.79 15.84
CA ASP B 182 -16.15 3.48 14.42
C ASP B 182 -14.80 2.81 14.21
N VAL B 183 -14.47 1.83 15.07
CA VAL B 183 -13.25 1.05 14.90
C VAL B 183 -13.45 0.09 13.73
N LYS B 184 -12.64 0.26 12.68
CA LYS B 184 -12.73 -0.59 11.49
C LYS B 184 -11.43 -0.44 10.70
N PRO B 185 -11.15 -1.36 9.77
CA PRO B 185 -9.90 -1.26 8.99
C PRO B 185 -9.62 0.10 8.37
N ALA B 186 -10.66 0.80 7.88
CA ALA B 186 -10.46 2.08 7.21
C ALA B 186 -9.95 3.17 8.15
N ASN B 187 -10.22 3.02 9.45
CA ASN B 187 -9.85 4.02 10.45
C ASN B 187 -8.57 3.67 11.18
N ILE B 188 -7.92 2.57 10.78
CA ILE B 188 -6.63 2.16 11.30
C ILE B 188 -5.61 2.35 10.19
N PHE B 189 -4.58 3.16 10.46
CA PHE B 189 -3.57 3.51 9.49
C PHE B 189 -2.20 2.91 9.84
N LEU B 190 -1.51 2.41 8.82
CA LEU B 190 -0.25 1.72 9.05
C LEU B 190 0.88 2.72 9.27
N GLY B 191 1.90 2.26 9.97
CA GLY B 191 3.05 3.06 10.26
C GLY B 191 4.35 2.27 10.07
N PRO B 192 5.47 2.88 10.40
CA PRO B 192 6.76 2.22 10.16
C PRO B 192 6.93 0.98 11.02
N ARG B 193 7.58 -0.04 10.45
CA ARG B 193 7.93 -1.29 11.13
C ARG B 193 6.72 -2.05 11.64
N GLY B 194 5.70 -2.17 10.79
CA GLY B 194 4.49 -2.92 11.11
C GLY B 194 3.75 -2.44 12.34
N ARG B 195 3.62 -1.12 12.48
CA ARG B 195 2.85 -0.50 13.54
C ARG B 195 1.63 0.15 12.91
N CYS B 196 0.53 0.17 13.65
CA CYS B 196 -0.69 0.78 13.19
C CYS B 196 -1.21 1.74 14.25
N LYS B 197 -1.88 2.80 13.79
CA LYS B 197 -2.46 3.82 14.65
C LYS B 197 -3.94 3.97 14.35
N LEU B 198 -4.70 4.34 15.39
CA LEU B 198 -6.13 4.56 15.27
C LEU B 198 -6.36 6.03 14.89
N GLY B 199 -7.35 6.26 14.02
CA GLY B 199 -7.68 7.61 13.59
C GLY B 199 -9.16 7.75 13.33
N ASP B 200 -9.54 8.93 12.81
CA ASP B 200 -10.95 9.29 12.52
C ASP B 200 -11.77 9.25 13.82
N PHE B 201 -11.48 10.22 14.69
CA PHE B 201 -12.16 10.37 15.95
C PHE B 201 -13.43 11.25 15.85
N GLY B 202 -14.12 11.24 14.70
CA GLY B 202 -15.28 12.10 14.54
C GLY B 202 -16.47 11.62 15.35
N LEU B 203 -16.69 10.30 15.37
CA LEU B 203 -17.78 9.68 16.11
C LEU B 203 -17.48 9.46 17.57
N LEU B 204 -16.29 9.86 18.04
CA LEU B 204 -15.93 9.62 19.43
C LEU B 204 -16.88 10.37 20.35
N VAL B 205 -17.29 9.70 21.43
CA VAL B 205 -18.22 10.24 22.42
C VAL B 205 -17.58 10.13 23.79
N GLU B 206 -17.81 11.14 24.62
CA GLU B 206 -17.38 11.12 26.02
C GLU B 206 -18.55 10.64 26.86
N LEU B 207 -18.43 9.44 27.42
CA LEU B 207 -19.49 8.88 28.24
C LEU B 207 -19.77 9.78 29.44
N GLY B 208 -21.06 9.93 29.77
CA GLY B 208 -21.46 10.76 30.89
C GLY B 208 -21.66 12.21 30.50
N VAL B 215 -24.51 11.14 19.72
CA VAL B 215 -24.16 9.83 19.18
C VAL B 215 -24.54 9.76 17.71
N GLN B 216 -23.60 9.28 16.89
CA GLN B 216 -23.81 9.07 15.47
C GLN B 216 -23.77 7.58 15.15
N GLU B 217 -24.16 7.28 13.92
CA GLU B 217 -24.24 5.91 13.43
C GLU B 217 -22.88 5.46 12.89
N GLY B 218 -22.55 4.20 13.12
CA GLY B 218 -21.34 3.59 12.62
C GLY B 218 -21.67 2.49 11.62
N ASP B 219 -20.62 1.91 11.06
CA ASP B 219 -20.79 0.84 10.07
C ASP B 219 -21.48 -0.35 10.76
N PRO B 220 -22.61 -0.82 10.25
CA PRO B 220 -23.29 -1.96 10.91
C PRO B 220 -22.46 -3.22 10.93
N ARG B 221 -21.58 -3.42 9.95
CA ARG B 221 -20.80 -4.66 9.90
C ARG B 221 -19.99 -4.88 11.16
N TYR B 222 -19.53 -3.80 11.81
CA TYR B 222 -18.65 -3.90 12.96
C TYR B 222 -19.34 -3.51 14.26
N MET B 223 -20.66 -3.31 14.26
CA MET B 223 -21.32 -2.75 15.43
C MET B 223 -21.66 -3.85 16.44
N ALA B 224 -21.51 -3.53 17.69
CA ALA B 224 -21.84 -4.48 18.73
C ALA B 224 -23.35 -4.61 18.90
N PRO B 225 -23.84 -5.80 19.23
CA PRO B 225 -25.29 -6.00 19.34
C PRO B 225 -25.95 -5.12 20.39
N GLU B 226 -25.24 -4.74 21.46
CA GLU B 226 -25.87 -3.91 22.49
C GLU B 226 -26.27 -2.54 21.93
N LEU B 227 -25.56 -2.06 20.89
CA LEU B 227 -25.88 -0.77 20.31
C LEU B 227 -27.28 -0.75 19.72
N LEU B 228 -27.77 -1.88 19.21
CA LEU B 228 -29.12 -1.94 18.67
C LEU B 228 -30.17 -1.62 19.72
N GLN B 229 -29.90 -1.96 20.98
CA GLN B 229 -30.82 -1.65 22.08
C GLN B 229 -30.41 -0.38 22.81
N GLY B 230 -29.51 0.42 22.23
CA GLY B 230 -29.11 1.70 22.80
C GLY B 230 -28.07 1.63 23.89
N SER B 231 -27.49 0.45 24.14
CA SER B 231 -26.45 0.32 25.16
C SER B 231 -25.11 0.75 24.58
N TYR B 232 -24.53 1.81 25.14
CA TYR B 232 -23.28 2.42 24.65
C TYR B 232 -22.23 2.35 25.74
N GLY B 233 -21.07 1.77 25.42
CA GLY B 233 -19.96 1.70 26.36
C GLY B 233 -18.64 1.45 25.67
N THR B 234 -17.56 1.53 26.45
CA THR B 234 -16.23 1.24 25.93
C THR B 234 -16.14 -0.16 25.34
N ALA B 235 -17.00 -1.07 25.81
CA ALA B 235 -16.99 -2.44 25.35
C ALA B 235 -17.28 -2.53 23.86
N ALA B 236 -18.09 -1.62 23.34
CA ALA B 236 -18.44 -1.65 21.92
C ALA B 236 -17.20 -1.61 21.03
N ASP B 237 -16.24 -0.73 21.34
CA ASP B 237 -15.02 -0.64 20.53
C ASP B 237 -14.28 -1.98 20.52
N VAL B 238 -14.28 -2.67 21.67
CA VAL B 238 -13.61 -3.96 21.76
C VAL B 238 -14.26 -4.95 20.82
N PHE B 239 -15.61 -5.00 20.80
CA PHE B 239 -16.29 -5.89 19.87
C PHE B 239 -16.02 -5.51 18.42
N SER B 240 -15.97 -4.20 18.12
CA SER B 240 -15.63 -3.78 16.75
C SER B 240 -14.24 -4.25 16.38
N LEU B 241 -13.27 -4.08 17.29
CA LEU B 241 -11.90 -4.51 17.04
C LEU B 241 -11.85 -6.01 16.79
N GLY B 242 -12.70 -6.76 17.48
CA GLY B 242 -12.76 -8.20 17.23
C GLY B 242 -13.16 -8.53 15.80
N LEU B 243 -14.25 -7.92 15.32
CA LEU B 243 -14.67 -8.15 13.95
C LEU B 243 -13.64 -7.61 12.95
N THR B 244 -13.00 -6.49 13.29
CA THR B 244 -11.94 -5.95 12.46
C THR B 244 -10.80 -6.94 12.32
N ILE B 245 -10.32 -7.45 13.45
CA ILE B 245 -9.24 -8.45 13.43
C ILE B 245 -9.72 -9.70 12.71
N LEU B 246 -10.96 -10.12 12.98
CA LEU B 246 -11.52 -11.30 12.31
C LEU B 246 -11.53 -11.13 10.80
N GLU B 247 -11.93 -9.94 10.31
CA GLU B 247 -11.97 -9.70 8.87
C GLU B 247 -10.58 -9.80 8.25
N VAL B 248 -9.59 -9.15 8.85
CA VAL B 248 -8.26 -9.12 8.25
C VAL B 248 -7.55 -10.47 8.41
N ALA B 249 -7.89 -11.23 9.45
CA ALA B 249 -7.20 -12.48 9.73
C ALA B 249 -7.75 -13.66 8.94
N CYS B 250 -8.96 -13.54 8.41
CA CYS B 250 -9.59 -14.63 7.66
C CYS B 250 -10.05 -14.18 6.28
N ASN B 251 -9.74 -12.94 5.88
CA ASN B 251 -10.18 -12.35 4.61
C ASN B 251 -11.68 -12.57 4.38
N MET B 252 -12.47 -12.25 5.40
CA MET B 252 -13.91 -12.43 5.39
C MET B 252 -14.59 -11.07 5.24
N GLU B 253 -15.46 -10.96 4.23
CA GLU B 253 -16.28 -9.76 4.07
C GLU B 253 -17.39 -9.79 5.12
N LEU B 254 -17.36 -8.83 6.05
CA LEU B 254 -18.35 -8.82 7.14
C LEU B 254 -19.75 -8.54 6.60
N PRO B 255 -20.77 -9.14 7.19
CA PRO B 255 -22.14 -8.95 6.70
C PRO B 255 -22.75 -7.65 7.23
N HIS B 256 -23.49 -6.97 6.36
CA HIS B 256 -24.22 -5.76 6.77
C HIS B 256 -25.47 -6.10 7.59
N GLY B 257 -26.13 -7.20 7.26
CA GLY B 257 -27.34 -7.58 7.96
C GLY B 257 -27.70 -9.01 7.63
N GLY B 258 -28.75 -9.50 8.28
CA GLY B 258 -29.22 -10.86 8.07
C GLY B 258 -28.69 -11.79 9.14
N GLU B 259 -28.88 -13.10 8.88
CA GLU B 259 -28.41 -14.11 9.82
C GLU B 259 -26.90 -14.09 9.97
N GLY B 260 -26.18 -13.82 8.87
CA GLY B 260 -24.73 -13.70 8.97
C GLY B 260 -24.33 -12.62 9.96
N TRP B 261 -25.03 -11.48 9.93
CA TRP B 261 -24.82 -10.45 10.95
C TRP B 261 -25.17 -10.98 12.33
N GLN B 262 -26.17 -11.88 12.41
CA GLN B 262 -26.60 -12.42 13.70
C GLN B 262 -25.64 -13.51 14.17
N GLN B 263 -25.25 -14.42 13.27
CA GLN B 263 -24.35 -15.53 13.65
C GLN B 263 -23.09 -15.01 14.32
N LEU B 264 -22.52 -13.93 13.79
CA LEU B 264 -21.30 -13.36 14.35
C LEU B 264 -21.51 -12.70 15.70
N ARG B 265 -22.76 -12.55 16.14
CA ARG B 265 -23.06 -11.86 17.39
C ARG B 265 -23.80 -12.76 18.38
N GLN B 266 -23.54 -14.06 18.31
CA GLN B 266 -24.14 -15.03 19.22
C GLN B 266 -23.09 -15.84 19.97
N GLY B 267 -21.81 -15.45 19.87
CA GLY B 267 -20.74 -16.14 20.55
C GLY B 267 -20.16 -17.32 19.81
N TYR B 268 -20.69 -17.65 18.64
CA TYR B 268 -20.22 -18.76 17.83
C TYR B 268 -19.60 -18.23 16.55
N LEU B 269 -18.32 -18.52 16.35
CA LEU B 269 -17.57 -18.09 15.19
C LEU B 269 -17.93 -18.94 13.96
N PRO B 270 -17.78 -18.41 12.75
CA PRO B 270 -18.09 -19.19 11.54
C PRO B 270 -16.97 -20.18 11.26
N PRO B 271 -17.28 -21.49 11.29
CA PRO B 271 -16.21 -22.49 11.13
C PRO B 271 -15.54 -22.46 9.78
N GLU B 272 -16.20 -21.94 8.74
CA GLU B 272 -15.59 -21.94 7.41
C GLU B 272 -14.39 -21.01 7.36
N PHE B 273 -14.47 -19.85 8.03
CA PHE B 273 -13.39 -18.89 8.01
C PHE B 273 -12.41 -19.05 9.16
N THR B 274 -12.87 -19.56 10.30
CA THR B 274 -12.05 -19.67 11.49
C THR B 274 -11.10 -20.87 11.46
N ALA B 275 -10.88 -21.47 10.28
CA ALA B 275 -10.02 -22.64 10.20
C ALA B 275 -8.57 -22.29 10.55
N GLY B 276 -8.00 -21.30 9.86
CA GLY B 276 -6.60 -20.94 10.07
C GLY B 276 -6.33 -20.29 11.41
N LEU B 277 -7.36 -19.91 12.15
CA LEU B 277 -7.16 -19.25 13.43
C LEU B 277 -6.46 -20.18 14.41
N SER B 278 -5.38 -19.70 15.03
CA SER B 278 -4.76 -20.44 16.11
C SER B 278 -5.69 -20.47 17.31
N SER B 279 -5.49 -21.47 18.18
CA SER B 279 -6.30 -21.59 19.39
C SER B 279 -6.25 -20.31 20.22
N GLU B 280 -5.07 -19.73 20.38
CA GLU B 280 -4.91 -18.52 21.18
C GLU B 280 -5.69 -17.36 20.57
N LEU B 281 -5.49 -17.12 19.26
CA LEU B 281 -6.18 -16.02 18.61
C LEU B 281 -7.69 -16.23 18.65
N ARG B 282 -8.15 -17.46 18.37
CA ARG B 282 -9.58 -17.74 18.42
C ARG B 282 -10.15 -17.45 19.79
N SER B 283 -9.41 -17.81 20.84
CA SER B 283 -9.88 -17.57 22.21
C SER B 283 -9.99 -16.09 22.51
N VAL B 284 -8.96 -15.32 22.16
CA VAL B 284 -9.00 -13.87 22.34
C VAL B 284 -10.16 -13.28 21.54
N LEU B 285 -10.40 -13.78 20.33
CA LEU B 285 -11.51 -13.28 19.53
C LEU B 285 -12.84 -13.60 20.21
N VAL B 286 -12.99 -14.81 20.76
CA VAL B 286 -14.21 -15.16 21.47
C VAL B 286 -14.41 -14.22 22.67
N MET B 287 -13.31 -13.89 23.36
CA MET B 287 -13.42 -12.92 24.46
C MET B 287 -13.89 -11.56 23.96
N MET B 288 -13.34 -11.11 22.82
CA MET B 288 -13.70 -9.79 22.29
C MET B 288 -15.08 -9.80 21.66
N LEU B 289 -15.55 -10.94 21.17
CA LEU B 289 -16.86 -11.06 20.52
C LEU B 289 -17.93 -11.57 21.46
N GLU B 290 -17.72 -11.44 22.77
CA GLU B 290 -18.69 -11.85 23.77
C GLU B 290 -19.96 -11.03 23.60
N PRO B 291 -21.10 -11.65 23.27
CA PRO B 291 -22.31 -10.87 22.99
C PRO B 291 -22.71 -9.93 24.12
N ASP B 292 -22.56 -10.37 25.39
CA ASP B 292 -22.98 -9.59 26.54
C ASP B 292 -21.87 -8.61 26.92
N PRO B 293 -22.11 -7.30 26.79
CA PRO B 293 -21.07 -6.33 27.16
C PRO B 293 -20.61 -6.45 28.59
N LYS B 294 -21.48 -6.95 29.48
CA LYS B 294 -21.10 -7.10 30.89
C LYS B 294 -20.00 -8.13 31.05
N LEU B 295 -20.00 -9.18 30.23
CA LEU B 295 -18.99 -10.22 30.30
C LEU B 295 -17.85 -10.01 29.31
N ARG B 296 -17.99 -9.06 28.38
CA ARG B 296 -16.96 -8.81 27.39
C ARG B 296 -15.67 -8.34 28.06
N ALA B 297 -14.54 -8.71 27.48
CA ALA B 297 -13.26 -8.37 28.05
C ALA B 297 -12.94 -6.90 27.83
N THR B 298 -11.99 -6.40 28.61
CA THR B 298 -11.55 -5.02 28.49
C THR B 298 -10.19 -4.98 27.83
N ALA B 299 -9.82 -3.79 27.35
CA ALA B 299 -8.55 -3.63 26.64
C ALA B 299 -7.39 -4.00 27.55
N GLU B 300 -7.35 -3.45 28.77
CA GLU B 300 -6.26 -3.77 29.69
C GLU B 300 -6.21 -5.27 29.98
N ALA B 301 -7.38 -5.89 30.19
CA ALA B 301 -7.44 -7.32 30.43
C ALA B 301 -6.89 -8.10 29.25
N LEU B 302 -7.34 -7.77 28.03
CA LEU B 302 -6.83 -8.41 26.84
C LEU B 302 -5.33 -8.19 26.72
N LEU B 303 -4.90 -6.93 26.88
CA LEU B 303 -3.48 -6.61 26.79
C LEU B 303 -2.66 -7.33 27.84
N ALA B 304 -3.26 -7.60 29.01
CA ALA B 304 -2.54 -8.29 30.08
C ALA B 304 -2.38 -9.77 29.78
N LEU B 305 -3.27 -10.35 28.96
CA LEU B 305 -3.20 -11.76 28.61
C LEU B 305 -1.81 -12.13 28.10
N PRO B 306 -1.32 -13.35 28.40
CA PRO B 306 0.06 -13.70 28.03
C PRO B 306 0.34 -13.62 26.55
N VAL B 307 -0.58 -14.12 25.72
CA VAL B 307 -0.40 -14.08 24.27
C VAL B 307 -0.17 -12.66 23.80
N LEU B 308 -0.79 -11.69 24.45
CA LEU B 308 -0.69 -10.27 24.10
C LEU B 308 0.38 -9.54 24.91
N ARG B 309 1.20 -10.26 25.67
CA ARG B 309 2.29 -9.66 26.42
C ARG B 309 3.28 -8.96 25.50
N GLN B 310 3.77 -7.80 25.95
CA GLN B 310 4.69 -6.92 25.23
C GLN B 310 4.63 -7.07 23.71
#